data_1YY4
#
_entry.id   1YY4
#
_cell.length_a   51.970
_cell.length_b   87.677
_cell.length_c   99.760
_cell.angle_alpha   90.00
_cell.angle_beta   90.00
_cell.angle_gamma   90.00
#
_symmetry.space_group_name_H-M   'P 21 21 21'
#
loop_
_entity.id
_entity.type
_entity.pdbx_description
1 polymer 'Estrogen receptor beta'
2 polymer 'STEROID RECEPTOR COACTIVATOR-1'
3 non-polymer 1-CHLORO-6-(4-HYDROXYPHENYL)-2-NAPHTHOL
4 water water
#
loop_
_entity_poly.entity_id
_entity_poly.type
_entity_poly.pdbx_seq_one_letter_code
_entity_poly.pdbx_strand_id
1 'polypeptide(L)'
;LSPEQLVLTLLEAEPPHVLISRPSAPFTEASMMMSLTKLADKELVHMISWAKKIPGFVELSLFDQVRLLESCWMEVLMMG
LMWRSIDHPGKLIFAPDLVLDRDEGKCVEGILEIFDMLLATTSRFRELKLQHKEYLCVKAMILLNSSMYPLVTATQDADS
SRKLAHLLNAVTDALVWVIAKSGISSQQQSMRLANLLMLLSHVRHASNKGMEHLLNMKCKNVVPVYDLLLEMLNAHVLRG
CKSSITGSECSPAEDSKSKEGSQNPQSQ
;
A,B
2 'polypeptide(L)' SGSHKLVQLLTTT C,D
#
# COMPACT_ATOMS: atom_id res chain seq x y z
N LEU A 1 -9.67 -20.45 19.39
CA LEU A 1 -9.28 -20.94 18.03
C LEU A 1 -7.79 -20.70 17.77
N SER A 2 -7.02 -21.79 17.75
CA SER A 2 -5.58 -21.70 17.54
C SER A 2 -5.24 -21.21 16.13
N PRO A 3 -4.04 -20.63 15.96
CA PRO A 3 -3.58 -20.11 14.66
C PRO A 3 -3.65 -21.19 13.59
N GLU A 4 -3.29 -22.41 13.96
CA GLU A 4 -3.31 -23.53 13.03
C GLU A 4 -4.73 -23.81 12.57
N GLN A 5 -5.68 -23.69 13.49
CA GLN A 5 -7.08 -23.94 13.17
C GLN A 5 -7.66 -22.79 12.39
N LEU A 6 -7.11 -21.60 12.60
CA LEU A 6 -7.56 -20.41 11.90
C LEU A 6 -7.07 -20.44 10.45
N VAL A 7 -5.86 -20.95 10.26
CA VAL A 7 -5.31 -21.03 8.91
C VAL A 7 -6.08 -22.12 8.15
N LEU A 8 -6.48 -23.16 8.88
CA LEU A 8 -7.24 -24.25 8.30
C LEU A 8 -8.55 -23.73 7.76
N THR A 9 -9.27 -22.98 8.58
CA THR A 9 -10.54 -22.44 8.15
C THR A 9 -10.38 -21.53 6.93
N LEU A 10 -9.23 -20.88 6.80
CA LEU A 10 -8.99 -20.02 5.65
C LEU A 10 -8.83 -20.90 4.42
N LEU A 11 -8.18 -22.03 4.60
CA LEU A 11 -7.97 -22.98 3.52
C LEU A 11 -9.35 -23.47 3.09
N GLU A 12 -10.24 -23.57 4.07
CA GLU A 12 -11.60 -24.02 3.83
C GLU A 12 -12.47 -22.94 3.23
N ALA A 13 -12.02 -21.70 3.36
CA ALA A 13 -12.75 -20.56 2.81
C ALA A 13 -12.31 -20.34 1.36
N GLU A 14 -11.22 -21.00 0.97
CA GLU A 14 -10.69 -20.85 -0.39
C GLU A 14 -11.75 -21.04 -1.46
N PRO A 15 -11.91 -20.03 -2.34
CA PRO A 15 -12.90 -20.13 -3.41
C PRO A 15 -12.44 -21.15 -4.44
N PRO A 16 -13.38 -21.68 -5.24
CA PRO A 16 -13.04 -22.67 -6.26
C PRO A 16 -12.28 -22.07 -7.45
N HIS A 17 -11.61 -22.92 -8.22
CA HIS A 17 -10.88 -22.47 -9.40
C HIS A 17 -11.92 -22.04 -10.42
N VAL A 18 -11.77 -20.84 -10.96
CA VAL A 18 -12.73 -20.33 -11.92
C VAL A 18 -12.21 -20.32 -13.35
N LEU A 19 -13.08 -20.74 -14.27
CA LEU A 19 -12.75 -20.76 -15.69
C LEU A 19 -13.76 -19.86 -16.37
N ILE A 20 -13.40 -19.33 -17.53
CA ILE A 20 -14.30 -18.44 -18.26
C ILE A 20 -14.92 -19.07 -19.51
N SER A 21 -14.75 -20.38 -19.66
CA SER A 21 -15.31 -21.09 -20.81
C SER A 21 -14.90 -20.47 -22.13
N ARG A 22 -13.61 -20.25 -22.31
CA ARG A 22 -13.09 -19.65 -23.53
C ARG A 22 -12.12 -20.62 -24.23
N PRO A 23 -12.49 -21.09 -25.43
CA PRO A 23 -11.64 -22.02 -26.18
C PRO A 23 -10.30 -21.40 -26.56
N SER A 24 -9.23 -22.20 -26.51
CA SER A 24 -7.88 -21.73 -26.84
C SER A 24 -7.89 -20.92 -28.13
N ALA A 25 -7.37 -19.70 -28.06
CA ALA A 25 -7.31 -18.82 -29.22
C ALA A 25 -6.54 -17.55 -28.89
N PRO A 26 -5.82 -17.00 -29.90
CA PRO A 26 -5.06 -15.77 -29.71
C PRO A 26 -5.96 -14.67 -29.16
N PHE A 27 -5.40 -13.79 -28.35
CA PHE A 27 -6.17 -12.71 -27.74
C PHE A 27 -6.11 -11.40 -28.50
N THR A 28 -7.27 -10.75 -28.60
CA THR A 28 -7.36 -9.45 -29.26
C THR A 28 -7.51 -8.44 -28.12
N GLU A 29 -7.93 -7.23 -28.44
CA GLU A 29 -8.12 -6.21 -27.39
C GLU A 29 -9.48 -6.34 -26.72
N ALA A 30 -10.53 -6.47 -27.54
CA ALA A 30 -11.88 -6.61 -27.03
C ALA A 30 -12.09 -7.99 -26.41
N SER A 31 -11.43 -9.00 -26.98
CA SER A 31 -11.54 -10.37 -26.48
C SER A 31 -10.80 -10.53 -25.16
N MET A 32 -9.75 -9.75 -24.97
CA MET A 32 -8.98 -9.83 -23.74
C MET A 32 -9.67 -9.11 -22.59
N MET A 33 -10.15 -7.90 -22.85
CA MET A 33 -10.83 -7.12 -21.83
C MET A 33 -12.13 -7.74 -21.36
N MET A 34 -12.85 -8.42 -22.25
CA MET A 34 -14.11 -9.04 -21.85
C MET A 34 -13.79 -10.23 -20.96
N SER A 35 -12.74 -10.97 -21.31
CA SER A 35 -12.31 -12.14 -20.53
C SER A 35 -11.90 -11.74 -19.13
N LEU A 36 -11.14 -10.66 -19.03
CA LEU A 36 -10.67 -10.17 -17.74
C LEU A 36 -11.82 -9.65 -16.87
N THR A 37 -12.80 -9.00 -17.49
CA THR A 37 -13.94 -8.47 -16.76
C THR A 37 -14.95 -9.56 -16.44
N LYS A 38 -15.07 -10.54 -17.32
CA LYS A 38 -16.00 -11.64 -17.11
C LYS A 38 -15.46 -12.54 -16.01
N LEU A 39 -14.14 -12.64 -15.94
CA LEU A 39 -13.46 -13.46 -14.94
C LEU A 39 -13.52 -12.79 -13.58
N ALA A 40 -13.22 -11.50 -13.56
CA ALA A 40 -13.23 -10.72 -12.33
C ALA A 40 -14.61 -10.75 -11.70
N ASP A 41 -15.64 -10.65 -12.54
CA ASP A 41 -17.02 -10.66 -12.08
C ASP A 41 -17.37 -11.99 -11.42
N LYS A 42 -16.94 -13.11 -12.03
CA LYS A 42 -17.21 -14.41 -11.45
C LYS A 42 -16.49 -14.53 -10.10
N GLU A 43 -15.21 -14.22 -10.11
CA GLU A 43 -14.39 -14.28 -8.91
C GLU A 43 -14.94 -13.41 -7.79
N LEU A 44 -15.54 -12.28 -8.17
CA LEU A 44 -16.15 -11.39 -7.21
C LEU A 44 -17.25 -12.09 -6.44
N VAL A 45 -18.07 -12.88 -7.13
CA VAL A 45 -19.14 -13.61 -6.47
C VAL A 45 -18.56 -14.62 -5.46
N HIS A 46 -17.50 -15.30 -5.88
CA HIS A 46 -16.84 -16.28 -5.02
C HIS A 46 -16.12 -15.62 -3.86
N MET A 47 -15.68 -14.38 -4.05
CA MET A 47 -14.98 -13.66 -3.00
C MET A 47 -15.91 -13.30 -1.84
N ILE A 48 -17.17 -12.99 -2.16
CA ILE A 48 -18.13 -12.66 -1.11
C ILE A 48 -18.28 -13.87 -0.18
N SER A 49 -18.47 -15.05 -0.78
CA SER A 49 -18.61 -16.28 -0.02
C SER A 49 -17.37 -16.55 0.82
N TRP A 50 -16.21 -16.34 0.21
CA TRP A 50 -14.93 -16.55 0.88
C TRP A 50 -14.84 -15.80 2.21
N ALA A 51 -15.00 -14.48 2.15
CA ALA A 51 -14.94 -13.63 3.34
C ALA A 51 -15.95 -14.07 4.39
N LYS A 52 -17.15 -14.41 3.97
CA LYS A 52 -18.19 -14.86 4.90
C LYS A 52 -17.72 -16.09 5.67
N LYS A 53 -16.76 -16.82 5.12
CA LYS A 53 -16.22 -18.01 5.76
C LYS A 53 -15.03 -17.69 6.65
N ILE A 54 -14.69 -16.40 6.74
CA ILE A 54 -13.58 -15.99 7.58
C ILE A 54 -14.17 -15.73 8.95
N PRO A 55 -13.83 -16.57 9.94
CA PRO A 55 -14.33 -16.45 11.30
C PRO A 55 -14.57 -15.01 11.75
N GLY A 56 -15.79 -14.76 12.23
CA GLY A 56 -16.14 -13.43 12.72
C GLY A 56 -16.44 -12.37 11.69
N PHE A 57 -16.21 -12.63 10.41
CA PHE A 57 -16.48 -11.61 9.40
C PHE A 57 -17.98 -11.24 9.41
N VAL A 58 -18.83 -12.25 9.40
CA VAL A 58 -20.27 -12.05 9.42
C VAL A 58 -20.68 -11.41 10.73
N GLU A 59 -19.83 -11.55 11.74
CA GLU A 59 -20.10 -10.96 13.05
C GLU A 59 -19.97 -9.44 13.01
N LEU A 60 -19.33 -8.93 11.96
CA LEU A 60 -19.13 -7.49 11.79
C LEU A 60 -20.43 -6.81 11.38
N SER A 61 -20.48 -5.49 11.54
CA SER A 61 -21.66 -4.74 11.14
C SER A 61 -21.71 -4.76 9.63
N LEU A 62 -22.90 -4.93 9.08
CA LEU A 62 -23.09 -5.00 7.64
C LEU A 62 -22.36 -3.87 6.92
N PHE A 63 -22.33 -2.70 7.53
CA PHE A 63 -21.65 -1.56 6.93
C PHE A 63 -20.17 -1.85 6.75
N ASP A 64 -19.56 -2.49 7.76
CA ASP A 64 -18.15 -2.81 7.70
C ASP A 64 -17.83 -3.86 6.65
N GLN A 65 -18.61 -4.93 6.63
CA GLN A 65 -18.38 -5.99 5.65
C GLN A 65 -18.33 -5.38 4.25
N VAL A 66 -19.25 -4.47 3.97
CA VAL A 66 -19.31 -3.81 2.67
C VAL A 66 -18.10 -2.95 2.39
N ARG A 67 -17.77 -2.04 3.32
CA ARG A 67 -16.63 -1.16 3.12
C ARG A 67 -15.35 -1.95 2.90
N LEU A 68 -15.15 -2.99 3.70
CA LEU A 68 -13.94 -3.80 3.58
C LEU A 68 -13.81 -4.45 2.20
N LEU A 69 -14.91 -4.98 1.70
CA LEU A 69 -14.90 -5.62 0.38
C LEU A 69 -14.85 -4.62 -0.77
N GLU A 70 -15.56 -3.51 -0.65
CA GLU A 70 -15.57 -2.50 -1.72
C GLU A 70 -14.21 -1.86 -1.93
N SER A 71 -13.32 -1.98 -0.97
CA SER A 71 -12.01 -1.37 -1.12
C SER A 71 -10.87 -2.33 -1.42
N CYS A 72 -11.00 -3.59 -1.03
CA CYS A 72 -9.92 -4.53 -1.27
C CYS A 72 -10.13 -5.55 -2.39
N TRP A 73 -11.36 -5.68 -2.88
CA TRP A 73 -11.63 -6.68 -3.91
C TRP A 73 -10.58 -6.80 -5.01
N MET A 74 -10.14 -5.66 -5.57
CA MET A 74 -9.14 -5.72 -6.64
C MET A 74 -7.81 -6.29 -6.14
N GLU A 75 -7.40 -5.88 -4.94
CA GLU A 75 -6.16 -6.37 -4.34
C GLU A 75 -6.26 -7.87 -4.14
N VAL A 76 -7.35 -8.29 -3.50
CA VAL A 76 -7.56 -9.69 -3.22
C VAL A 76 -7.55 -10.46 -4.55
N LEU A 77 -8.08 -9.83 -5.60
CA LEU A 77 -8.09 -10.44 -6.92
C LEU A 77 -6.66 -10.65 -7.40
N MET A 78 -5.85 -9.59 -7.36
CA MET A 78 -4.48 -9.68 -7.82
C MET A 78 -3.62 -10.57 -6.92
N MET A 79 -3.92 -10.60 -5.62
CA MET A 79 -3.17 -11.45 -4.72
C MET A 79 -3.37 -12.90 -5.16
N GLY A 80 -4.62 -13.24 -5.48
CA GLY A 80 -4.92 -14.59 -5.92
C GLY A 80 -4.22 -14.87 -7.24
N LEU A 81 -4.24 -13.89 -8.13
CA LEU A 81 -3.58 -14.02 -9.42
C LEU A 81 -2.09 -14.36 -9.25
N MET A 82 -1.44 -13.69 -8.31
CA MET A 82 -0.02 -13.89 -8.06
C MET A 82 0.32 -15.26 -7.53
N TRP A 83 -0.55 -15.81 -6.67
CA TRP A 83 -0.30 -17.12 -6.11
C TRP A 83 -0.42 -18.18 -7.20
N ARG A 84 -1.35 -17.99 -8.11
CA ARG A 84 -1.57 -18.92 -9.20
C ARG A 84 -0.49 -18.80 -10.25
N SER A 85 0.19 -17.65 -10.29
CA SER A 85 1.24 -17.39 -11.28
C SER A 85 2.64 -17.69 -10.74
N ILE A 86 2.74 -17.85 -9.43
CA ILE A 86 4.01 -18.10 -8.76
C ILE A 86 4.93 -19.15 -9.38
N ASP A 87 4.37 -20.17 -10.02
CA ASP A 87 5.19 -21.21 -10.63
C ASP A 87 5.34 -21.12 -12.14
N HIS A 88 4.74 -20.12 -12.76
CA HIS A 88 4.85 -19.98 -14.20
C HIS A 88 5.47 -18.63 -14.54
N PRO A 89 6.76 -18.47 -14.20
CA PRO A 89 7.46 -17.21 -14.48
C PRO A 89 7.23 -16.70 -15.89
N GLY A 90 6.97 -15.40 -16.00
CA GLY A 90 6.73 -14.78 -17.28
C GLY A 90 5.27 -14.82 -17.71
N LYS A 91 4.46 -15.57 -16.97
CA LYS A 91 3.05 -15.72 -17.28
C LYS A 91 2.14 -15.26 -16.15
N LEU A 92 0.94 -14.78 -16.50
CA LEU A 92 -0.04 -14.35 -15.50
C LEU A 92 -1.25 -15.27 -15.60
N ILE A 93 -1.33 -16.22 -14.69
CA ILE A 93 -2.41 -17.20 -14.68
C ILE A 93 -3.71 -16.63 -14.12
N PHE A 94 -4.45 -15.89 -14.94
CA PHE A 94 -5.70 -15.33 -14.48
C PHE A 94 -6.70 -16.47 -14.25
N ALA A 95 -6.59 -17.47 -15.12
CA ALA A 95 -7.44 -18.63 -15.07
C ALA A 95 -6.85 -19.68 -16.00
N PRO A 96 -7.16 -20.96 -15.78
CA PRO A 96 -6.64 -22.03 -16.63
C PRO A 96 -6.81 -21.74 -18.13
N ASP A 97 -7.98 -21.26 -18.50
CA ASP A 97 -8.28 -20.95 -19.91
C ASP A 97 -8.13 -19.46 -20.18
N LEU A 98 -7.17 -18.83 -19.50
CA LEU A 98 -6.90 -17.41 -19.66
C LEU A 98 -5.49 -17.07 -19.16
N VAL A 99 -4.48 -17.59 -19.85
CA VAL A 99 -3.10 -17.34 -19.49
C VAL A 99 -2.53 -16.27 -20.43
N LEU A 100 -1.87 -15.27 -19.85
CA LEU A 100 -1.34 -14.19 -20.67
C LEU A 100 0.16 -13.89 -20.49
N ASP A 101 0.80 -13.55 -21.60
CA ASP A 101 2.21 -13.22 -21.65
C ASP A 101 2.34 -11.69 -21.61
N ARG A 102 3.51 -11.20 -21.19
CA ARG A 102 3.74 -9.76 -21.09
C ARG A 102 3.53 -9.05 -22.43
N ASP A 103 3.92 -9.67 -23.52
CA ASP A 103 3.76 -9.09 -24.85
C ASP A 103 2.29 -9.05 -25.29
N GLU A 104 1.54 -10.07 -24.91
CA GLU A 104 0.13 -10.15 -25.26
C GLU A 104 -0.63 -9.04 -24.55
N GLY A 105 -0.02 -8.48 -23.51
CA GLY A 105 -0.65 -7.42 -22.76
C GLY A 105 -0.41 -6.07 -23.40
N LYS A 106 0.13 -6.08 -24.62
CA LYS A 106 0.41 -4.85 -25.35
C LYS A 106 -0.78 -4.40 -26.18
N CYS A 107 -1.60 -5.37 -26.61
CA CYS A 107 -2.78 -5.04 -27.41
C CYS A 107 -3.57 -3.93 -26.73
N VAL A 108 -3.73 -4.05 -25.42
CA VAL A 108 -4.47 -3.06 -24.65
C VAL A 108 -3.52 -2.01 -24.09
N GLU A 109 -3.81 -0.75 -24.39
CA GLU A 109 -3.02 0.37 -23.92
C GLU A 109 -3.08 0.52 -22.40
N GLY A 110 -1.89 0.59 -21.78
CA GLY A 110 -1.71 0.75 -20.34
C GLY A 110 -1.58 -0.55 -19.57
N ILE A 111 -2.25 -1.55 -20.11
CA ILE A 111 -2.26 -2.88 -19.52
C ILE A 111 -0.84 -3.41 -19.32
N LEU A 112 0.00 -3.20 -20.32
CA LEU A 112 1.38 -3.66 -20.26
C LEU A 112 2.04 -3.20 -18.96
N GLU A 113 1.83 -1.94 -18.61
CA GLU A 113 2.38 -1.39 -17.39
C GLU A 113 1.89 -2.20 -16.19
N ILE A 114 0.58 -2.44 -16.14
CA ILE A 114 -0.01 -3.20 -15.05
C ILE A 114 0.57 -4.61 -15.01
N PHE A 115 0.63 -5.25 -16.18
CA PHE A 115 1.17 -6.59 -16.26
C PHE A 115 2.56 -6.67 -15.67
N ASP A 116 3.38 -5.68 -15.97
CA ASP A 116 4.71 -5.63 -15.42
C ASP A 116 4.67 -5.62 -13.90
N MET A 117 3.81 -4.76 -13.34
CA MET A 117 3.68 -4.66 -11.90
C MET A 117 3.30 -5.98 -11.27
N LEU A 118 2.36 -6.66 -11.91
CA LEU A 118 1.88 -7.94 -11.45
C LEU A 118 2.97 -9.00 -11.58
N LEU A 119 3.68 -8.96 -12.71
CA LEU A 119 4.75 -9.93 -12.95
C LEU A 119 5.93 -9.71 -12.02
N ALA A 120 6.22 -8.45 -11.73
CA ALA A 120 7.31 -8.08 -10.85
C ALA A 120 7.01 -8.53 -9.43
N THR A 121 5.84 -8.16 -8.93
CA THR A 121 5.46 -8.54 -7.57
C THR A 121 5.39 -10.04 -7.44
N THR A 122 5.00 -10.71 -8.53
CA THR A 122 4.89 -12.17 -8.53
C THR A 122 6.27 -12.80 -8.42
N SER A 123 7.16 -12.47 -9.35
CA SER A 123 8.51 -13.02 -9.32
C SER A 123 9.16 -12.69 -7.99
N ARG A 124 8.68 -11.62 -7.36
CA ARG A 124 9.20 -11.21 -6.07
C ARG A 124 8.74 -12.18 -4.98
N PHE A 125 7.50 -12.63 -5.07
CA PHE A 125 6.96 -13.57 -4.09
C PHE A 125 7.61 -14.93 -4.33
N ARG A 126 7.93 -15.17 -5.61
CA ARG A 126 8.55 -16.42 -6.03
C ARG A 126 9.93 -16.60 -5.39
N GLU A 127 10.73 -15.53 -5.39
CA GLU A 127 12.05 -15.58 -4.79
C GLU A 127 11.98 -15.85 -3.30
N LEU A 128 10.96 -15.29 -2.65
CA LEU A 128 10.74 -15.49 -1.22
C LEU A 128 10.17 -16.87 -0.95
N LYS A 129 9.83 -17.58 -2.04
CA LYS A 129 9.25 -18.92 -1.95
C LYS A 129 8.00 -18.92 -1.07
N LEU A 130 7.04 -18.09 -1.46
CA LEU A 130 5.78 -17.95 -0.77
C LEU A 130 5.04 -19.28 -0.59
N GLN A 131 4.74 -19.60 0.66
CA GLN A 131 4.04 -20.83 0.99
C GLN A 131 2.54 -20.59 0.95
N HIS A 132 1.78 -21.59 0.52
CA HIS A 132 0.33 -21.50 0.42
C HIS A 132 -0.29 -20.95 1.71
N LYS A 133 0.07 -21.55 2.84
CA LYS A 133 -0.47 -21.10 4.12
C LYS A 133 -0.15 -19.63 4.40
N GLU A 134 0.93 -19.13 3.82
CA GLU A 134 1.28 -17.73 4.02
C GLU A 134 0.33 -16.90 3.17
N TYR A 135 0.12 -17.38 1.95
CA TYR A 135 -0.76 -16.76 0.98
C TYR A 135 -2.17 -16.61 1.55
N LEU A 136 -2.60 -17.62 2.30
CA LEU A 136 -3.94 -17.61 2.89
C LEU A 136 -4.07 -16.48 3.92
N CYS A 137 -3.08 -16.36 4.79
CA CYS A 137 -3.08 -15.33 5.82
C CYS A 137 -3.01 -13.95 5.19
N VAL A 138 -2.04 -13.76 4.29
CA VAL A 138 -1.84 -12.50 3.60
C VAL A 138 -3.13 -12.00 2.96
N LYS A 139 -3.76 -12.85 2.16
CA LYS A 139 -4.99 -12.49 1.49
C LYS A 139 -6.07 -12.10 2.51
N ALA A 140 -6.13 -12.82 3.63
CA ALA A 140 -7.12 -12.53 4.65
C ALA A 140 -6.82 -11.16 5.23
N MET A 141 -5.54 -10.90 5.45
CA MET A 141 -5.07 -9.64 6.00
C MET A 141 -5.39 -8.47 5.08
N ILE A 142 -5.30 -8.70 3.77
CA ILE A 142 -5.59 -7.64 2.80
C ILE A 142 -7.03 -7.18 3.00
N LEU A 143 -7.91 -8.15 3.23
CA LEU A 143 -9.31 -7.86 3.46
C LEU A 143 -9.50 -7.05 4.74
N LEU A 144 -9.03 -7.61 5.84
CA LEU A 144 -9.18 -6.98 7.15
C LEU A 144 -8.40 -5.69 7.38
N ASN A 145 -7.47 -5.36 6.48
CA ASN A 145 -6.68 -4.15 6.64
C ASN A 145 -6.99 -3.07 5.61
N SER A 146 -7.94 -3.34 4.72
CA SER A 146 -8.33 -2.38 3.69
C SER A 146 -9.12 -1.21 4.31
N SER A 147 -9.30 -1.27 5.62
CA SER A 147 -10.04 -0.25 6.36
C SER A 147 -9.30 1.08 6.40
N MET A 148 -10.00 2.16 6.06
CA MET A 148 -9.40 3.49 6.09
C MET A 148 -10.07 4.38 7.11
N ASP A 159 -16.13 0.32 18.79
CA ASP A 159 -17.42 -0.28 18.98
C ASP A 159 -17.46 -1.59 18.13
N SER A 160 -17.63 -1.51 16.74
CA SER A 160 -17.57 -2.73 15.73
C SER A 160 -16.09 -3.00 15.49
N SER A 161 -15.38 -1.87 15.49
CA SER A 161 -13.97 -1.81 15.24
C SER A 161 -13.20 -2.82 16.06
N ARG A 162 -13.57 -2.98 17.33
CA ARG A 162 -12.88 -3.93 18.18
C ARG A 162 -12.86 -5.31 17.54
N LYS A 163 -14.02 -5.71 17.02
CA LYS A 163 -14.16 -7.00 16.36
C LYS A 163 -13.18 -7.09 15.18
N LEU A 164 -13.16 -6.04 14.37
CA LEU A 164 -12.27 -6.00 13.23
C LEU A 164 -10.81 -6.12 13.68
N ALA A 165 -10.39 -5.24 14.58
CA ALA A 165 -9.02 -5.24 15.06
C ALA A 165 -8.66 -6.60 15.65
N HIS A 166 -9.57 -7.13 16.45
CA HIS A 166 -9.38 -8.41 17.10
C HIS A 166 -9.26 -9.50 16.03
N LEU A 167 -10.03 -9.35 14.96
CA LEU A 167 -10.03 -10.31 13.87
C LEU A 167 -8.73 -10.15 13.06
N LEU A 168 -8.42 -8.91 12.69
CA LEU A 168 -7.20 -8.64 11.94
C LEU A 168 -6.02 -9.18 12.72
N ASN A 169 -6.06 -8.97 14.03
CA ASN A 169 -5.00 -9.40 14.93
C ASN A 169 -4.80 -10.90 14.84
N ALA A 170 -5.88 -11.66 14.89
CA ALA A 170 -5.83 -13.11 14.81
C ALA A 170 -5.11 -13.59 13.54
N VAL A 171 -5.51 -13.06 12.39
CA VAL A 171 -4.89 -13.45 11.14
C VAL A 171 -3.41 -13.09 11.13
N THR A 172 -3.05 -12.01 11.80
CA THR A 172 -1.67 -11.60 11.88
C THR A 172 -0.93 -12.63 12.71
N ASP A 173 -1.53 -12.97 13.84
CA ASP A 173 -0.99 -13.96 14.77
C ASP A 173 -0.84 -15.29 14.03
N ALA A 174 -1.73 -15.54 13.07
CA ALA A 174 -1.72 -16.77 12.29
C ALA A 174 -0.56 -16.80 11.30
N LEU A 175 -0.26 -15.64 10.72
CA LEU A 175 0.85 -15.53 9.77
C LEU A 175 2.18 -15.70 10.49
N VAL A 176 2.27 -15.18 11.72
CA VAL A 176 3.49 -15.31 12.50
C VAL A 176 3.72 -16.81 12.76
N TRP A 177 2.64 -17.49 13.13
CA TRP A 177 2.70 -18.92 13.41
C TRP A 177 3.27 -19.68 12.22
N VAL A 178 2.68 -19.47 11.05
CA VAL A 178 3.12 -20.14 9.83
C VAL A 178 4.63 -19.98 9.64
N ILE A 179 5.12 -18.77 9.84
CA ILE A 179 6.54 -18.49 9.67
C ILE A 179 7.38 -19.21 10.71
N ALA A 180 6.87 -19.30 11.94
CA ALA A 180 7.58 -19.97 13.02
C ALA A 180 7.69 -21.48 12.80
N LYS A 181 6.75 -22.04 12.03
CA LYS A 181 6.73 -23.47 11.75
C LYS A 181 7.72 -23.83 10.65
N SER A 182 8.12 -22.84 9.85
CA SER A 182 9.06 -23.11 8.77
C SER A 182 10.40 -23.53 9.37
N GLY A 183 10.54 -23.33 10.67
CA GLY A 183 11.75 -23.71 11.38
C GLY A 183 12.98 -22.86 11.14
N ILE A 184 12.87 -21.80 10.34
CA ILE A 184 14.01 -20.94 10.08
C ILE A 184 14.42 -20.14 11.32
N SER A 185 15.54 -19.44 11.20
CA SER A 185 16.06 -18.62 12.29
C SER A 185 15.00 -17.64 12.80
N SER A 186 15.18 -17.17 14.03
CA SER A 186 14.24 -16.23 14.62
C SER A 186 14.41 -14.87 13.92
N GLN A 187 15.67 -14.46 13.77
CA GLN A 187 15.97 -13.20 13.10
C GLN A 187 15.40 -13.25 11.69
N GLN A 188 15.47 -14.42 11.08
CA GLN A 188 14.96 -14.63 9.74
C GLN A 188 13.44 -14.71 9.71
N GLN A 189 12.85 -15.06 10.85
CA GLN A 189 11.41 -15.14 10.96
C GLN A 189 10.84 -13.72 10.91
N SER A 190 11.61 -12.79 11.49
CA SER A 190 11.23 -11.38 11.51
C SER A 190 11.47 -10.78 10.13
N MET A 191 12.58 -11.16 9.52
CA MET A 191 12.94 -10.66 8.20
C MET A 191 11.93 -11.12 7.15
N ARG A 192 11.51 -12.39 7.23
CA ARG A 192 10.55 -12.92 6.28
C ARG A 192 9.19 -12.24 6.46
N LEU A 193 8.74 -12.16 7.70
CA LEU A 193 7.48 -11.51 8.02
C LEU A 193 7.48 -10.11 7.43
N ALA A 194 8.62 -9.45 7.53
CA ALA A 194 8.76 -8.09 7.04
C ALA A 194 8.71 -7.99 5.52
N ASN A 195 9.47 -8.84 4.83
CA ASN A 195 9.49 -8.81 3.38
C ASN A 195 8.10 -9.10 2.82
N LEU A 196 7.34 -9.94 3.51
CA LEU A 196 6.00 -10.30 3.07
C LEU A 196 5.01 -9.15 3.24
N LEU A 197 5.03 -8.51 4.40
CA LEU A 197 4.09 -7.43 4.61
C LEU A 197 4.41 -6.23 3.74
N MET A 198 5.68 -6.07 3.38
CA MET A 198 6.08 -4.95 2.54
C MET A 198 5.53 -5.09 1.12
N LEU A 199 5.32 -6.32 0.68
CA LEU A 199 4.80 -6.54 -0.67
C LEU A 199 3.34 -6.17 -0.81
N LEU A 200 2.64 -6.07 0.32
CA LEU A 200 1.24 -5.69 0.28
C LEU A 200 1.14 -4.29 -0.33
N SER A 201 2.14 -3.47 -0.08
CA SER A 201 2.16 -2.11 -0.61
C SER A 201 2.22 -2.15 -2.13
N HIS A 202 2.90 -3.16 -2.66
CA HIS A 202 3.03 -3.30 -4.10
C HIS A 202 1.74 -3.83 -4.71
N VAL A 203 1.12 -4.79 -4.03
CA VAL A 203 -0.13 -5.37 -4.50
C VAL A 203 -1.22 -4.28 -4.44
N ARG A 204 -1.08 -3.38 -3.48
CA ARG A 204 -2.01 -2.27 -3.29
C ARG A 204 -1.78 -1.20 -4.37
N HIS A 205 -0.55 -1.14 -4.87
CA HIS A 205 -0.20 -0.17 -5.90
C HIS A 205 -0.73 -0.62 -7.27
N ALA A 206 -0.51 -1.89 -7.60
CA ALA A 206 -0.98 -2.42 -8.87
C ALA A 206 -2.51 -2.47 -8.82
N SER A 207 -3.05 -2.30 -7.62
CA SER A 207 -4.49 -2.31 -7.39
C SER A 207 -5.09 -1.00 -7.85
N ASN A 208 -4.61 0.10 -7.27
CA ASN A 208 -5.08 1.41 -7.61
C ASN A 208 -4.95 1.66 -9.10
N LYS A 209 -3.86 1.19 -9.69
CA LYS A 209 -3.63 1.35 -11.12
C LYS A 209 -4.64 0.50 -11.88
N GLY A 210 -4.83 -0.74 -11.41
CA GLY A 210 -5.78 -1.64 -12.05
C GLY A 210 -7.17 -1.03 -12.13
N MET A 211 -7.63 -0.46 -11.02
CA MET A 211 -8.95 0.16 -10.98
C MET A 211 -9.00 1.32 -11.96
N GLU A 212 -8.00 2.20 -11.88
CA GLU A 212 -7.91 3.37 -12.75
C GLU A 212 -8.09 2.97 -14.22
N HIS A 213 -7.40 1.91 -14.62
CA HIS A 213 -7.50 1.42 -15.99
C HIS A 213 -8.89 0.89 -16.27
N LEU A 214 -9.41 0.06 -15.34
CA LEU A 214 -10.74 -0.51 -15.48
C LEU A 214 -11.81 0.58 -15.51
N LEU A 215 -11.73 1.49 -14.55
CA LEU A 215 -12.70 2.58 -14.50
C LEU A 215 -12.68 3.39 -15.79
N ASN A 216 -11.50 3.53 -16.37
CA ASN A 216 -11.36 4.27 -17.62
C ASN A 216 -12.07 3.47 -18.71
N MET A 217 -11.90 2.16 -18.67
CA MET A 217 -12.53 1.29 -19.65
C MET A 217 -14.05 1.30 -19.49
N LYS A 218 -14.50 1.40 -18.24
CA LYS A 218 -15.93 1.44 -17.96
C LYS A 218 -16.55 2.69 -18.58
N CYS A 219 -15.98 3.85 -18.25
CA CYS A 219 -16.47 5.12 -18.77
C CYS A 219 -16.59 5.12 -20.29
N LYS A 220 -15.84 4.24 -20.96
CA LYS A 220 -15.85 4.17 -22.41
C LYS A 220 -16.77 3.07 -22.96
N ASN A 221 -17.52 2.43 -22.08
CA ASN A 221 -18.44 1.35 -22.48
C ASN A 221 -17.81 0.37 -23.45
N VAL A 222 -16.50 0.18 -23.33
CA VAL A 222 -15.77 -0.74 -24.20
C VAL A 222 -15.70 -2.12 -23.54
N VAL A 223 -16.02 -2.15 -22.25
CA VAL A 223 -16.01 -3.40 -21.50
C VAL A 223 -17.45 -3.80 -21.21
N PRO A 224 -17.80 -5.07 -21.48
CA PRO A 224 -19.16 -5.54 -21.23
C PRO A 224 -19.68 -5.21 -19.84
N VAL A 225 -20.99 -5.01 -19.75
CA VAL A 225 -21.64 -4.65 -18.48
C VAL A 225 -21.81 -5.81 -17.51
N TYR A 226 -21.12 -5.74 -16.37
CA TYR A 226 -21.21 -6.76 -15.35
C TYR A 226 -21.69 -6.15 -14.03
N ASP A 227 -22.91 -6.52 -13.65
CA ASP A 227 -23.56 -6.02 -12.43
C ASP A 227 -22.72 -5.97 -11.17
N LEU A 228 -22.21 -7.12 -10.71
CA LEU A 228 -21.40 -7.15 -9.51
C LEU A 228 -20.11 -6.37 -9.72
N LEU A 229 -19.51 -6.53 -10.89
CA LEU A 229 -18.27 -5.85 -11.24
C LEU A 229 -18.43 -4.32 -11.26
N LEU A 230 -19.54 -3.87 -11.82
CA LEU A 230 -19.85 -2.44 -11.92
C LEU A 230 -20.03 -1.82 -10.54
N GLU A 231 -20.87 -2.46 -9.73
CA GLU A 231 -21.13 -1.98 -8.38
C GLU A 231 -19.80 -1.81 -7.62
N MET A 232 -19.00 -2.88 -7.61
CA MET A 232 -17.71 -2.88 -6.93
C MET A 232 -16.78 -1.78 -7.43
N LEU A 233 -16.85 -1.49 -8.73
CA LEU A 233 -16.01 -0.47 -9.34
C LEU A 233 -16.46 0.93 -8.94
N ASN A 234 -17.77 1.19 -9.00
CA ASN A 234 -18.30 2.50 -8.65
C ASN A 234 -18.02 2.89 -7.21
N ALA A 235 -18.28 1.97 -6.28
CA ALA A 235 -18.04 2.25 -4.86
C ALA A 235 -16.62 2.76 -4.64
N LEU B 1 27.75 -2.12 8.54
CA LEU B 1 27.01 -1.07 9.32
C LEU B 1 25.96 -1.70 10.22
N SER B 2 26.26 -1.79 11.51
CA SER B 2 25.32 -2.38 12.48
C SER B 2 23.96 -1.69 12.48
N PRO B 3 22.91 -2.42 12.88
CA PRO B 3 21.55 -1.87 12.96
C PRO B 3 21.49 -0.55 13.73
N GLU B 4 22.18 -0.51 14.87
CA GLU B 4 22.21 0.70 15.70
C GLU B 4 22.92 1.86 15.00
N GLN B 5 23.96 1.53 14.24
CA GLN B 5 24.69 2.56 13.51
C GLN B 5 23.84 3.08 12.37
N LEU B 6 22.99 2.21 11.84
CA LEU B 6 22.11 2.59 10.75
C LEU B 6 21.03 3.51 11.31
N VAL B 7 20.48 3.14 12.47
CA VAL B 7 19.46 3.94 13.11
C VAL B 7 20.03 5.29 13.52
N LEU B 8 21.24 5.28 14.05
CA LEU B 8 21.89 6.51 14.48
C LEU B 8 22.22 7.39 13.27
N THR B 9 22.50 6.75 12.14
CA THR B 9 22.78 7.49 10.92
C THR B 9 21.49 8.15 10.40
N LEU B 10 20.38 7.44 10.53
CA LEU B 10 19.09 7.97 10.08
C LEU B 10 18.63 9.11 10.97
N LEU B 11 18.86 8.97 12.27
CA LEU B 11 18.47 9.99 13.24
C LEU B 11 19.17 11.30 12.88
N GLU B 12 20.46 11.20 12.62
CA GLU B 12 21.27 12.35 12.27
C GLU B 12 20.80 12.95 10.94
N ALA B 13 20.33 12.08 10.04
CA ALA B 13 19.86 12.51 8.73
C ALA B 13 18.47 13.14 8.77
N GLU B 14 17.78 13.04 9.91
CA GLU B 14 16.45 13.63 10.04
C GLU B 14 16.50 15.06 9.55
N PRO B 15 15.73 15.37 8.50
CA PRO B 15 15.76 16.75 8.00
C PRO B 15 15.24 17.73 9.05
N PRO B 16 15.72 18.97 9.01
CA PRO B 16 15.27 19.98 9.97
C PRO B 16 13.83 20.37 9.60
N HIS B 17 13.11 21.00 10.51
CA HIS B 17 11.74 21.38 10.22
C HIS B 17 11.65 22.62 9.33
N VAL B 18 10.93 22.47 8.22
CA VAL B 18 10.72 23.56 7.27
C VAL B 18 9.70 24.50 7.90
N LEU B 19 10.11 25.74 8.14
CA LEU B 19 9.22 26.71 8.73
C LEU B 19 8.43 27.46 7.67
N ILE B 20 7.13 27.59 7.90
CA ILE B 20 6.26 28.30 6.99
C ILE B 20 5.17 28.97 7.82
N SER B 21 4.79 30.18 7.42
CA SER B 21 3.77 30.92 8.16
C SER B 21 2.35 30.71 7.68
N ARG B 22 1.46 30.47 8.63
CA ARG B 22 0.06 30.30 8.34
C ARG B 22 -0.45 31.66 7.86
N PRO B 23 -1.19 31.70 6.75
CA PRO B 23 -1.68 32.99 6.29
C PRO B 23 -2.32 33.79 7.44
N SER B 24 -2.22 35.11 7.36
CA SER B 24 -2.78 35.99 8.39
C SER B 24 -4.30 35.88 8.54
N ALA B 25 -5.01 35.85 7.43
CA ALA B 25 -6.46 35.74 7.44
C ALA B 25 -6.91 34.28 7.37
N PRO B 26 -8.17 34.00 7.72
CA PRO B 26 -8.66 32.63 7.67
C PRO B 26 -8.52 32.06 6.25
N PHE B 27 -8.12 30.79 6.17
CA PHE B 27 -7.91 30.11 4.90
C PHE B 27 -9.01 30.27 3.85
N THR B 28 -8.57 30.24 2.60
CA THR B 28 -9.46 30.29 1.45
C THR B 28 -8.99 29.04 0.73
N GLU B 29 -9.68 28.63 -0.34
CA GLU B 29 -9.26 27.42 -1.05
C GLU B 29 -7.84 27.61 -1.58
N ALA B 30 -7.57 28.77 -2.16
CA ALA B 30 -6.26 29.08 -2.72
C ALA B 30 -5.18 29.21 -1.67
N SER B 31 -5.39 30.11 -0.70
CA SER B 31 -4.42 30.33 0.35
C SER B 31 -3.91 29.01 0.95
N MET B 32 -4.83 28.07 1.17
CA MET B 32 -4.44 26.79 1.75
C MET B 32 -3.60 25.92 0.81
N MET B 33 -4.08 25.74 -0.41
CA MET B 33 -3.33 24.95 -1.37
C MET B 33 -1.98 25.63 -1.57
N MET B 34 -1.98 26.94 -1.40
CA MET B 34 -0.79 27.75 -1.54
C MET B 34 0.22 27.38 -0.47
N SER B 35 -0.27 27.24 0.76
CA SER B 35 0.58 26.89 1.89
C SER B 35 1.03 25.43 1.88
N LEU B 36 0.17 24.54 1.39
CA LEU B 36 0.50 23.13 1.34
C LEU B 36 1.48 22.81 0.22
N THR B 37 1.31 23.48 -0.92
CA THR B 37 2.18 23.25 -2.06
C THR B 37 3.56 23.84 -1.82
N LYS B 38 3.61 24.98 -1.13
CA LYS B 38 4.89 25.61 -0.82
C LYS B 38 5.65 24.75 0.18
N LEU B 39 4.96 24.31 1.22
CA LEU B 39 5.58 23.47 2.23
C LEU B 39 6.17 22.22 1.62
N ALA B 40 5.38 21.54 0.81
CA ALA B 40 5.80 20.32 0.14
C ALA B 40 7.06 20.54 -0.70
N ASP B 41 7.06 21.63 -1.48
CA ASP B 41 8.21 21.93 -2.34
C ASP B 41 9.48 22.04 -1.51
N LYS B 42 9.43 22.84 -0.45
CA LYS B 42 10.59 23.04 0.41
C LYS B 42 11.01 21.75 1.11
N GLU B 43 10.03 20.96 1.53
CA GLU B 43 10.33 19.70 2.20
C GLU B 43 10.95 18.70 1.22
N LEU B 44 10.58 18.81 -0.05
CA LEU B 44 11.11 17.91 -1.07
C LEU B 44 12.60 18.12 -1.23
N VAL B 45 13.04 19.37 -1.21
CA VAL B 45 14.45 19.68 -1.35
C VAL B 45 15.19 19.01 -0.19
N HIS B 46 14.67 19.16 1.02
CA HIS B 46 15.31 18.57 2.18
C HIS B 46 15.26 17.05 2.14
N MET B 47 14.25 16.52 1.46
CA MET B 47 14.07 15.09 1.36
C MET B 47 15.15 14.43 0.52
N ILE B 48 15.60 15.13 -0.54
CA ILE B 48 16.65 14.61 -1.41
C ILE B 48 17.94 14.49 -0.63
N SER B 49 18.21 15.47 0.23
CA SER B 49 19.42 15.47 1.05
C SER B 49 19.32 14.31 2.02
N TRP B 50 18.15 14.15 2.60
CA TRP B 50 17.91 13.08 3.55
C TRP B 50 18.18 11.72 2.88
N ALA B 51 17.66 11.55 1.67
CA ALA B 51 17.82 10.31 0.91
C ALA B 51 19.27 9.93 0.64
N LYS B 52 20.10 10.91 0.28
CA LYS B 52 21.50 10.67 -0.02
C LYS B 52 22.31 10.31 1.23
N LYS B 53 21.65 10.36 2.39
CA LYS B 53 22.29 10.02 3.65
C LYS B 53 21.82 8.65 4.12
N ILE B 54 20.90 8.05 3.36
CA ILE B 54 20.41 6.73 3.72
C ILE B 54 21.46 5.73 3.25
N PRO B 55 22.12 5.05 4.20
CA PRO B 55 23.16 4.05 3.92
C PRO B 55 23.01 3.25 2.62
N GLY B 56 23.85 3.57 1.64
CA GLY B 56 23.81 2.85 0.38
C GLY B 56 22.90 3.39 -0.71
N PHE B 57 22.15 4.44 -0.42
CA PHE B 57 21.24 5.00 -1.42
C PHE B 57 21.98 5.54 -2.63
N VAL B 58 22.98 6.37 -2.39
CA VAL B 58 23.74 6.97 -3.46
C VAL B 58 24.45 5.93 -4.33
N GLU B 59 24.68 4.74 -3.78
CA GLU B 59 25.34 3.68 -4.54
C GLU B 59 24.44 3.12 -5.65
N LEU B 60 23.14 3.23 -5.49
CA LEU B 60 22.19 2.76 -6.49
C LEU B 60 22.37 3.59 -7.75
N SER B 61 21.86 3.13 -8.88
CA SER B 61 21.99 3.89 -10.12
C SER B 61 21.14 5.14 -10.01
N LEU B 62 21.54 6.21 -10.68
CA LEU B 62 20.77 7.44 -10.59
C LEU B 62 19.32 7.23 -11.01
N PHE B 63 19.12 6.43 -12.05
CA PHE B 63 17.79 6.16 -12.53
C PHE B 63 16.93 5.45 -11.51
N ASP B 64 17.58 4.79 -10.58
CA ASP B 64 16.88 4.08 -9.53
C ASP B 64 16.48 5.04 -8.44
N GLN B 65 17.46 5.81 -8.01
CA GLN B 65 17.29 6.83 -7.00
C GLN B 65 16.13 7.70 -7.42
N VAL B 66 16.00 7.93 -8.73
CA VAL B 66 14.94 8.77 -9.27
C VAL B 66 13.58 8.09 -9.17
N ARG B 67 13.52 6.83 -9.58
CA ARG B 67 12.26 6.09 -9.54
C ARG B 67 11.74 5.96 -8.12
N LEU B 68 12.64 5.74 -7.17
CA LEU B 68 12.25 5.59 -5.77
C LEU B 68 11.61 6.87 -5.25
N LEU B 69 12.30 8.00 -5.41
CA LEU B 69 11.79 9.27 -4.94
C LEU B 69 10.50 9.65 -5.67
N GLU B 70 10.48 9.43 -6.98
CA GLU B 70 9.30 9.74 -7.79
C GLU B 70 8.05 8.98 -7.32
N SER B 71 8.22 7.75 -6.88
CA SER B 71 7.08 6.96 -6.45
C SER B 71 6.68 7.04 -4.98
N CYS B 72 7.53 7.60 -4.13
CA CYS B 72 7.18 7.66 -2.71
C CYS B 72 7.17 9.04 -2.05
N TRP B 73 7.60 10.07 -2.78
CA TRP B 73 7.67 11.39 -2.17
C TRP B 73 6.46 11.83 -1.34
N MET B 74 5.26 11.47 -1.74
CA MET B 74 4.10 11.89 -0.97
C MET B 74 3.97 11.08 0.33
N GLU B 75 4.30 9.79 0.26
CA GLU B 75 4.24 8.90 1.41
C GLU B 75 5.23 9.34 2.47
N VAL B 76 6.44 9.69 2.04
CA VAL B 76 7.46 10.13 2.96
C VAL B 76 7.02 11.44 3.61
N LEU B 77 6.41 12.32 2.82
CA LEU B 77 5.93 13.58 3.35
C LEU B 77 4.86 13.32 4.40
N MET B 78 3.86 12.54 4.04
CA MET B 78 2.76 12.25 4.95
C MET B 78 3.17 11.43 6.17
N MET B 79 4.20 10.60 6.03
CA MET B 79 4.69 9.80 7.16
C MET B 79 5.35 10.77 8.14
N GLY B 80 6.01 11.78 7.60
CA GLY B 80 6.64 12.77 8.44
C GLY B 80 5.56 13.59 9.11
N LEU B 81 4.58 14.00 8.32
CA LEU B 81 3.44 14.78 8.83
C LEU B 81 2.81 14.06 10.01
N MET B 82 2.31 12.85 9.75
CA MET B 82 1.67 12.04 10.78
C MET B 82 2.50 11.98 12.06
N TRP B 83 3.80 11.76 11.91
CA TRP B 83 4.68 11.69 13.07
C TRP B 83 4.63 12.98 13.87
N ARG B 84 4.62 14.11 13.17
CA ARG B 84 4.58 15.42 13.82
C ARG B 84 3.27 15.68 14.57
N SER B 85 2.18 15.10 14.07
CA SER B 85 0.87 15.29 14.67
C SER B 85 0.57 14.21 15.71
N ILE B 86 1.51 13.29 15.89
CA ILE B 86 1.37 12.16 16.81
C ILE B 86 0.76 12.51 18.18
N ASP B 87 1.34 13.50 18.86
CA ASP B 87 0.87 13.89 20.18
C ASP B 87 -0.14 15.04 20.12
N HIS B 88 -0.97 15.03 19.09
CA HIS B 88 -1.98 16.07 18.92
C HIS B 88 -3.21 15.53 18.21
N PRO B 89 -3.96 14.64 18.88
CA PRO B 89 -5.15 14.09 18.24
C PRO B 89 -6.04 15.18 17.65
N GLY B 90 -6.72 14.86 16.56
CA GLY B 90 -7.59 15.82 15.90
C GLY B 90 -6.87 16.94 15.17
N LYS B 91 -5.59 17.13 15.48
CA LYS B 91 -4.79 18.20 14.86
C LYS B 91 -3.71 17.66 13.89
N LEU B 92 -3.49 18.38 12.79
CA LEU B 92 -2.48 18.01 11.78
C LEU B 92 -1.38 19.04 11.75
N ILE B 93 -0.20 18.68 12.26
CA ILE B 93 0.93 19.59 12.30
C ILE B 93 1.78 19.59 11.03
N PHE B 94 1.38 20.39 10.05
CA PHE B 94 2.14 20.50 8.81
C PHE B 94 3.41 21.28 9.06
N ALA B 95 3.41 22.08 10.12
CA ALA B 95 4.57 22.88 10.49
C ALA B 95 4.34 23.58 11.82
N PRO B 96 5.43 23.94 12.53
CA PRO B 96 5.33 24.61 13.82
C PRO B 96 4.34 25.77 13.88
N ASP B 97 4.21 26.52 12.79
CA ASP B 97 3.28 27.64 12.76
C ASP B 97 2.07 27.40 11.86
N LEU B 98 2.09 26.29 11.13
CA LEU B 98 1.00 25.96 10.23
C LEU B 98 0.21 24.74 10.71
N VAL B 99 -0.49 24.88 11.82
CA VAL B 99 -1.28 23.79 12.37
C VAL B 99 -2.69 23.81 11.79
N LEU B 100 -3.08 22.71 11.16
CA LEU B 100 -4.40 22.63 10.56
C LEU B 100 -5.36 21.76 11.34
N ASP B 101 -6.60 22.25 11.45
CA ASP B 101 -7.65 21.53 12.16
C ASP B 101 -8.48 20.78 11.15
N ARG B 102 -8.89 19.56 11.51
CA ARG B 102 -9.69 18.72 10.64
C ARG B 102 -10.78 19.49 9.91
N ASP B 103 -11.40 20.45 10.61
CA ASP B 103 -12.48 21.25 10.05
C ASP B 103 -12.06 22.26 8.99
N GLU B 104 -10.85 22.79 9.12
CA GLU B 104 -10.37 23.79 8.16
C GLU B 104 -10.19 23.18 6.78
N GLY B 105 -10.13 21.86 6.71
CA GLY B 105 -9.97 21.19 5.43
C GLY B 105 -11.23 21.26 4.58
N LYS B 106 -12.14 22.16 4.93
CA LYS B 106 -13.39 22.30 4.19
C LYS B 106 -13.30 23.44 3.17
N CYS B 107 -12.30 24.29 3.33
CA CYS B 107 -12.13 25.40 2.39
C CYS B 107 -11.53 24.88 1.09
N VAL B 108 -11.27 23.57 1.05
CA VAL B 108 -10.71 22.94 -0.13
C VAL B 108 -11.67 21.87 -0.64
N GLU B 109 -11.92 21.89 -1.94
CA GLU B 109 -12.84 20.94 -2.55
C GLU B 109 -12.34 19.50 -2.50
N GLY B 110 -12.78 18.75 -1.50
CA GLY B 110 -12.39 17.36 -1.38
C GLY B 110 -11.03 17.03 -0.78
N ILE B 111 -10.58 17.80 0.20
CA ILE B 111 -9.31 17.50 0.83
C ILE B 111 -9.58 16.94 2.21
N LEU B 112 -10.77 17.23 2.73
CA LEU B 112 -11.20 16.76 4.04
C LEU B 112 -11.07 15.24 4.09
N GLU B 113 -11.30 14.60 2.95
CA GLU B 113 -11.19 13.15 2.87
C GLU B 113 -9.76 12.80 3.26
N ILE B 114 -8.81 13.47 2.60
CA ILE B 114 -7.38 13.28 2.83
C ILE B 114 -7.03 13.54 4.28
N PHE B 115 -7.45 14.70 4.79
CA PHE B 115 -7.18 15.08 6.17
C PHE B 115 -7.68 14.04 7.16
N ASP B 116 -8.80 13.41 6.83
CA ASP B 116 -9.37 12.40 7.72
C ASP B 116 -8.55 11.12 7.78
N MET B 117 -8.21 10.57 6.62
CA MET B 117 -7.43 9.33 6.64
C MET B 117 -6.03 9.59 7.19
N LEU B 118 -5.60 10.85 7.16
CA LEU B 118 -4.28 11.21 7.69
C LEU B 118 -4.36 11.15 9.22
N LEU B 119 -5.41 11.76 9.75
CA LEU B 119 -5.63 11.78 11.19
C LEU B 119 -5.84 10.35 11.70
N ALA B 120 -6.61 9.58 10.93
CA ALA B 120 -6.90 8.19 11.28
C ALA B 120 -5.63 7.38 11.45
N THR B 121 -4.82 7.34 10.40
CA THR B 121 -3.57 6.59 10.43
C THR B 121 -2.72 7.06 11.62
N THR B 122 -2.77 8.37 11.87
CA THR B 122 -2.01 8.94 12.98
C THR B 122 -2.49 8.34 14.28
N SER B 123 -3.81 8.31 14.47
CA SER B 123 -4.39 7.76 15.68
C SER B 123 -3.93 6.32 15.87
N ARG B 124 -3.81 5.58 14.77
CA ARG B 124 -3.34 4.21 14.85
C ARG B 124 -1.90 4.24 15.35
N PHE B 125 -1.08 5.09 14.76
CA PHE B 125 0.31 5.21 15.18
C PHE B 125 0.39 5.59 16.66
N ARG B 126 -0.46 6.52 17.08
CA ARG B 126 -0.48 6.95 18.47
C ARG B 126 -0.94 5.79 19.34
N GLU B 127 -1.99 5.09 18.90
CA GLU B 127 -2.52 3.96 19.65
C GLU B 127 -1.41 2.94 19.87
N LEU B 128 -0.68 2.63 18.79
CA LEU B 128 0.42 1.68 18.87
C LEU B 128 1.61 2.32 19.57
N LYS B 129 1.53 3.63 19.78
CA LYS B 129 2.60 4.37 20.44
C LYS B 129 3.91 4.18 19.68
N LEU B 130 3.93 4.65 18.43
CA LEU B 130 5.11 4.55 17.57
C LEU B 130 6.26 5.32 18.19
N GLN B 131 7.46 4.73 18.14
CA GLN B 131 8.65 5.37 18.69
C GLN B 131 9.50 6.06 17.64
N HIS B 132 10.18 7.12 18.07
CA HIS B 132 11.05 7.90 17.20
C HIS B 132 11.96 7.00 16.38
N LYS B 133 12.64 6.07 17.04
CA LYS B 133 13.54 5.16 16.35
C LYS B 133 12.82 4.27 15.32
N GLU B 134 11.62 3.82 15.66
CA GLU B 134 10.84 2.98 14.76
C GLU B 134 10.47 3.82 13.55
N TYR B 135 10.01 5.02 13.81
CA TYR B 135 9.61 6.00 12.80
C TYR B 135 10.70 6.21 11.73
N LEU B 136 11.94 6.43 12.18
CA LEU B 136 13.06 6.65 11.26
C LEU B 136 13.24 5.46 10.32
N CYS B 137 13.02 4.25 10.82
CA CYS B 137 13.16 3.04 10.02
C CYS B 137 11.98 2.88 9.06
N VAL B 138 10.77 3.08 9.58
CA VAL B 138 9.57 2.95 8.77
C VAL B 138 9.61 3.92 7.60
N LYS B 139 10.07 5.14 7.87
CA LYS B 139 10.16 6.17 6.84
C LYS B 139 11.22 5.81 5.79
N ALA B 140 12.35 5.30 6.26
CA ALA B 140 13.43 4.91 5.35
C ALA B 140 12.99 3.71 4.52
N MET B 141 12.21 2.82 5.14
CA MET B 141 11.71 1.63 4.46
C MET B 141 10.71 1.99 3.37
N ILE B 142 9.91 3.02 3.62
CA ILE B 142 8.94 3.49 2.65
C ILE B 142 9.65 3.81 1.34
N LEU B 143 10.75 4.56 1.44
CA LEU B 143 11.54 4.94 0.28
C LEU B 143 12.13 3.75 -0.49
N LEU B 144 12.75 2.83 0.26
CA LEU B 144 13.38 1.66 -0.34
C LEU B 144 12.40 0.60 -0.84
N ASN B 145 11.22 0.54 -0.25
CA ASN B 145 10.21 -0.45 -0.63
C ASN B 145 9.30 0.03 -1.76
N SER B 146 9.46 1.29 -2.16
CA SER B 146 8.64 1.83 -3.24
C SER B 146 9.19 1.42 -4.58
N SER B 147 9.76 0.22 -4.65
CA SER B 147 10.31 -0.31 -5.89
C SER B 147 9.17 -0.49 -6.90
N MET B 148 8.20 0.41 -6.81
CA MET B 148 7.02 0.44 -7.67
C MET B 148 7.34 1.01 -9.04
N ASP B 159 21.34 -6.13 -10.93
CA ASP B 159 22.38 -6.06 -9.90
C ASP B 159 22.14 -4.89 -8.96
N SER B 160 21.87 -3.73 -9.55
CA SER B 160 21.58 -2.56 -8.75
C SER B 160 20.33 -2.88 -7.91
N SER B 161 19.33 -3.51 -8.54
CA SER B 161 18.11 -3.90 -7.85
C SER B 161 18.46 -4.83 -6.68
N ARG B 162 19.32 -5.81 -6.93
CA ARG B 162 19.74 -6.74 -5.90
C ARG B 162 20.33 -5.94 -4.73
N LYS B 163 21.08 -4.90 -5.05
CA LYS B 163 21.65 -4.02 -4.06
C LYS B 163 20.49 -3.41 -3.25
N LEU B 164 19.42 -3.04 -3.94
CA LEU B 164 18.24 -2.49 -3.31
C LEU B 164 17.68 -3.43 -2.23
N ALA B 165 17.59 -4.73 -2.55
CA ALA B 165 17.05 -5.69 -1.59
C ALA B 165 17.90 -5.72 -0.32
N HIS B 166 19.21 -5.65 -0.50
CA HIS B 166 20.12 -5.68 0.62
C HIS B 166 20.00 -4.42 1.47
N LEU B 167 19.77 -3.28 0.82
CA LEU B 167 19.61 -2.02 1.53
C LEU B 167 18.34 -2.05 2.39
N LEU B 168 17.26 -2.56 1.82
CA LEU B 168 15.98 -2.65 2.50
C LEU B 168 16.02 -3.63 3.67
N ASN B 169 16.83 -4.68 3.55
CA ASN B 169 16.94 -5.66 4.62
C ASN B 169 17.70 -5.03 5.78
N ALA B 170 18.71 -4.23 5.45
CA ALA B 170 19.52 -3.57 6.47
C ALA B 170 18.63 -2.76 7.40
N VAL B 171 17.72 -1.98 6.82
CA VAL B 171 16.81 -1.16 7.60
C VAL B 171 15.82 -2.01 8.38
N THR B 172 15.33 -3.07 7.75
CA THR B 172 14.40 -3.98 8.42
C THR B 172 15.07 -4.57 9.65
N ASP B 173 16.35 -4.92 9.52
CA ASP B 173 17.11 -5.46 10.64
C ASP B 173 17.18 -4.39 11.72
N ALA B 174 17.26 -3.14 11.28
CA ALA B 174 17.33 -2.02 12.20
C ALA B 174 16.01 -1.85 12.94
N LEU B 175 14.89 -1.95 12.23
CA LEU B 175 13.58 -1.82 12.86
C LEU B 175 13.42 -2.94 13.88
N VAL B 176 13.80 -4.16 13.48
CA VAL B 176 13.69 -5.32 14.35
C VAL B 176 14.54 -5.10 15.60
N TRP B 177 15.75 -4.58 15.40
CA TRP B 177 16.68 -4.30 16.48
C TRP B 177 16.07 -3.29 17.47
N VAL B 178 15.49 -2.23 16.95
CA VAL B 178 14.88 -1.20 17.79
C VAL B 178 13.78 -1.83 18.63
N ILE B 179 12.82 -2.46 17.97
CA ILE B 179 11.70 -3.10 18.65
C ILE B 179 12.15 -4.06 19.77
N ALA B 180 13.14 -4.89 19.49
CA ALA B 180 13.64 -5.82 20.49
C ALA B 180 14.06 -5.07 21.75
N LYS B 181 14.62 -3.88 21.56
CA LYS B 181 15.07 -3.05 22.67
C LYS B 181 13.93 -2.54 23.54
N SER B 182 12.69 -2.78 23.11
CA SER B 182 11.55 -2.34 23.88
C SER B 182 11.35 -3.30 25.06
N GLY B 183 11.90 -4.50 24.92
CA GLY B 183 11.79 -5.50 25.98
C GLY B 183 10.68 -6.51 25.84
N ILE B 184 9.60 -6.14 25.17
CA ILE B 184 8.45 -7.04 24.99
C ILE B 184 8.85 -8.42 24.47
N SER B 185 8.06 -9.42 24.85
CA SER B 185 8.32 -10.81 24.47
C SER B 185 8.55 -10.94 22.97
N SER B 186 9.41 -11.88 22.60
CA SER B 186 9.74 -12.14 21.20
C SER B 186 8.48 -12.24 20.35
N GLN B 187 7.49 -12.98 20.85
CA GLN B 187 6.25 -13.17 20.13
C GLN B 187 5.60 -11.82 19.86
N GLN B 188 5.69 -10.92 20.83
CA GLN B 188 5.14 -9.58 20.73
C GLN B 188 5.93 -8.68 19.79
N GLN B 189 7.21 -8.97 19.63
CA GLN B 189 8.03 -8.18 18.74
C GLN B 189 7.57 -8.40 17.31
N SER B 190 7.18 -9.63 17.02
CA SER B 190 6.69 -9.99 15.69
C SER B 190 5.36 -9.31 15.46
N MET B 191 4.55 -9.26 16.51
CA MET B 191 3.24 -8.65 16.44
C MET B 191 3.34 -7.14 16.18
N ARG B 192 4.18 -6.44 16.92
CA ARG B 192 4.34 -5.00 16.71
C ARG B 192 4.95 -4.72 15.34
N LEU B 193 5.97 -5.48 14.98
CA LEU B 193 6.61 -5.32 13.68
C LEU B 193 5.56 -5.43 12.59
N ALA B 194 4.68 -6.41 12.75
CA ALA B 194 3.63 -6.65 11.77
C ALA B 194 2.61 -5.53 11.73
N ASN B 195 2.15 -5.11 12.92
CA ASN B 195 1.17 -4.05 13.02
C ASN B 195 1.66 -2.71 12.48
N LEU B 196 2.95 -2.45 12.61
CA LEU B 196 3.53 -1.22 12.12
C LEU B 196 3.56 -1.23 10.60
N LEU B 197 4.00 -2.35 10.02
CA LEU B 197 4.08 -2.45 8.57
C LEU B 197 2.74 -2.48 7.86
N MET B 198 1.74 -3.09 8.48
CA MET B 198 0.42 -3.14 7.86
C MET B 198 -0.08 -1.73 7.62
N LEU B 199 0.46 -0.78 8.39
CA LEU B 199 0.07 0.62 8.25
C LEU B 199 0.64 1.27 6.99
N LEU B 200 1.72 0.71 6.47
CA LEU B 200 2.34 1.26 5.27
C LEU B 200 1.35 1.36 4.11
N SER B 201 0.39 0.43 4.06
CA SER B 201 -0.61 0.44 3.00
C SER B 201 -1.53 1.64 3.14
N HIS B 202 -1.83 2.01 4.38
CA HIS B 202 -2.70 3.16 4.63
C HIS B 202 -1.99 4.42 4.21
N VAL B 203 -0.69 4.48 4.51
CA VAL B 203 0.12 5.63 4.14
C VAL B 203 0.13 5.65 2.61
N ARG B 204 0.29 4.47 2.01
CA ARG B 204 0.31 4.32 0.57
C ARG B 204 -0.97 4.83 -0.06
N HIS B 205 -2.11 4.48 0.53
CA HIS B 205 -3.41 4.90 0.03
C HIS B 205 -3.53 6.42 0.05
N ALA B 206 -3.29 7.01 1.22
CA ALA B 206 -3.38 8.46 1.38
C ALA B 206 -2.51 9.17 0.35
N SER B 207 -1.36 8.57 0.03
CA SER B 207 -0.45 9.15 -0.96
C SER B 207 -1.12 9.21 -2.32
N ASN B 208 -1.75 8.11 -2.72
CA ASN B 208 -2.44 8.02 -4.00
C ASN B 208 -3.59 9.00 -4.12
N LYS B 209 -4.42 9.09 -3.09
CA LYS B 209 -5.56 10.01 -3.11
C LYS B 209 -5.06 11.41 -2.80
N GLY B 210 -3.83 11.50 -2.32
CA GLY B 210 -3.24 12.80 -2.01
C GLY B 210 -2.65 13.41 -3.26
N MET B 211 -2.00 12.59 -4.07
CA MET B 211 -1.40 13.07 -5.31
C MET B 211 -2.45 13.21 -6.40
N GLU B 212 -3.48 12.37 -6.35
CA GLU B 212 -4.55 12.45 -7.34
C GLU B 212 -5.23 13.81 -7.13
N HIS B 213 -5.54 14.11 -5.88
CA HIS B 213 -6.15 15.37 -5.47
C HIS B 213 -5.28 16.56 -5.95
N LEU B 214 -3.99 16.48 -5.66
CA LEU B 214 -3.06 17.54 -6.06
C LEU B 214 -3.10 17.74 -7.57
N LEU B 215 -3.08 16.63 -8.31
CA LEU B 215 -3.12 16.68 -9.76
C LEU B 215 -4.38 17.43 -10.23
N ASN B 216 -5.51 17.09 -9.63
CA ASN B 216 -6.76 17.74 -9.98
C ASN B 216 -6.70 19.24 -9.78
N MET B 217 -6.20 19.65 -8.62
CA MET B 217 -6.08 21.06 -8.31
C MET B 217 -5.32 21.83 -9.38
N LYS B 218 -4.19 21.27 -9.79
CA LYS B 218 -3.38 21.87 -10.83
C LYS B 218 -4.18 22.03 -12.13
N CYS B 219 -4.84 20.94 -12.54
CA CYS B 219 -5.64 20.96 -13.76
C CYS B 219 -6.81 21.93 -13.60
N LYS B 220 -7.07 22.29 -12.35
CA LYS B 220 -8.14 23.19 -11.98
C LYS B 220 -7.58 24.61 -11.90
N ASN B 221 -6.26 24.69 -11.78
CA ASN B 221 -5.55 25.97 -11.70
C ASN B 221 -5.83 26.64 -10.35
N VAL B 222 -6.37 25.85 -9.42
CA VAL B 222 -6.70 26.31 -8.07
C VAL B 222 -5.47 26.82 -7.32
N VAL B 223 -4.29 26.57 -7.89
CA VAL B 223 -3.03 27.01 -7.28
C VAL B 223 -1.88 26.66 -8.21
N PRO B 224 -0.77 27.42 -8.16
CA PRO B 224 0.37 27.11 -9.02
C PRO B 224 1.23 25.96 -8.46
N VAL B 225 1.50 24.97 -9.30
CA VAL B 225 2.30 23.81 -8.92
C VAL B 225 3.38 23.63 -9.97
N TYR B 226 4.60 24.07 -9.67
CA TYR B 226 5.69 23.98 -10.64
C TYR B 226 7.03 23.45 -10.11
N ASP B 227 8.00 23.42 -11.00
CA ASP B 227 9.36 22.96 -10.70
C ASP B 227 9.42 21.58 -10.04
N LEU B 228 9.98 21.53 -8.84
CA LEU B 228 10.12 20.28 -8.12
C LEU B 228 8.77 19.60 -7.88
N LEU B 229 7.84 20.35 -7.32
CA LEU B 229 6.51 19.82 -7.02
C LEU B 229 5.85 19.26 -8.27
N LEU B 230 6.05 19.92 -9.40
CA LEU B 230 5.46 19.46 -10.66
C LEU B 230 6.16 18.22 -11.19
N GLU B 231 7.50 18.27 -11.30
CA GLU B 231 8.27 17.14 -11.80
C GLU B 231 7.89 15.85 -11.07
N MET B 232 7.72 15.95 -9.75
CA MET B 232 7.37 14.80 -8.94
C MET B 232 5.95 14.33 -9.23
N LEU B 233 5.06 15.27 -9.50
CA LEU B 233 3.67 14.92 -9.81
C LEU B 233 3.54 14.02 -11.03
N ASN B 234 4.30 14.33 -12.08
CA ASN B 234 4.22 13.55 -13.31
C ASN B 234 5.10 12.30 -13.30
N ALA B 235 6.33 12.44 -12.81
CA ALA B 235 7.29 11.33 -12.73
C ALA B 235 7.75 10.81 -14.10
N LYS C 5 -26.13 -5.76 -5.30
CA LYS C 5 -25.68 -7.17 -5.56
C LYS C 5 -24.81 -7.68 -4.40
N LEU C 6 -23.86 -6.84 -4.00
CA LEU C 6 -22.93 -7.17 -2.92
C LEU C 6 -23.65 -7.53 -1.62
N VAL C 7 -24.61 -6.70 -1.24
CA VAL C 7 -25.35 -6.91 -0.01
C VAL C 7 -26.23 -8.16 0.02
N GLN C 8 -26.87 -8.51 -1.08
CA GLN C 8 -27.70 -9.70 -1.06
C GLN C 8 -26.87 -10.96 -0.94
N LEU C 9 -25.69 -10.97 -1.56
CA LEU C 9 -24.82 -12.14 -1.47
C LEU C 9 -24.23 -12.19 -0.07
N LEU C 10 -24.19 -11.04 0.60
CA LEU C 10 -23.67 -10.94 1.96
C LEU C 10 -24.69 -11.42 2.98
N THR C 11 -25.96 -11.29 2.62
CA THR C 11 -27.05 -11.68 3.51
C THR C 11 -27.68 -13.03 3.14
N THR C 12 -27.18 -13.69 2.11
CA THR C 12 -27.70 -14.98 1.68
C THR C 12 -26.56 -15.92 1.30
N THR C 13 -26.82 -17.22 1.38
CA THR C 13 -25.81 -18.21 1.05
C THR C 13 -26.35 -19.28 0.10
N LYS D 5 15.80 19.07 -12.47
CA LYS D 5 15.67 19.62 -11.09
C LYS D 5 15.85 18.53 -10.05
N LEU D 6 15.03 17.48 -10.14
CA LEU D 6 15.13 16.36 -9.22
C LEU D 6 16.53 15.80 -9.37
N VAL D 7 16.93 15.58 -10.63
CA VAL D 7 18.24 15.06 -10.95
C VAL D 7 19.32 16.03 -10.50
N GLN D 8 19.00 17.32 -10.56
CA GLN D 8 19.93 18.35 -10.16
C GLN D 8 20.30 18.22 -8.69
N LEU D 9 19.28 18.21 -7.84
CA LEU D 9 19.50 18.10 -6.40
C LEU D 9 20.28 16.83 -6.05
N LEU D 10 19.95 15.74 -6.73
CA LEU D 10 20.60 14.47 -6.52
C LEU D 10 22.07 14.43 -6.90
N THR D 11 22.39 14.92 -8.10
CA THR D 11 23.76 14.90 -8.60
C THR D 11 24.54 16.21 -8.45
N THR D 12 23.84 17.33 -8.45
CA THR D 12 24.50 18.63 -8.35
C THR D 12 24.58 19.19 -6.93
N THR D 13 23.85 18.58 -6.00
CA THR D 13 23.85 19.04 -4.62
C THR D 13 24.14 17.87 -3.66
#